data_6WSA
#
_entry.id   6WSA
#
_cell.length_a   107.860
_cell.length_b   107.860
_cell.length_c   233.530
_cell.angle_alpha   90.000
_cell.angle_beta   90.000
_cell.angle_gamma   120.000
#
_symmetry.space_group_name_H-M   'P 62 2 2'
#
loop_
_entity.id
_entity.type
_entity.pdbx_description
1 polymer 'NAD/NADP-dependent betaine aldehyde dehydrogenase'
2 non-polymer 'SUCCINIC ACID'
3 non-polymer 1,2-ETHANEDIOL
4 non-polymer 'SODIUM ION'
5 water water
#
_entity_poly.entity_id   1
_entity_poly.type   'polypeptide(L)'
_entity_poly.pdbx_seq_one_letter_code
;MSVYGLQRLYIAGAHADATSGKTFDTFDPATGELLARVQQASADDVDRAVASAREGQREWAAMTAMQRSRILRRAVELLR
ERNDALAELEMRDTGKPIAETRAVDIVTGADVIEYYAGLATAIEGLQVPLRPESFVYTRREPLGVCAGIGAWNYPIQIAC
WKSAPALAAGNAMIFKPSEVTPLSALKLAEIYTEAGVPAGVFNVVQGDGSVGALLSAHPGIAKVSFTGGVETGKKVMSLA
GASSLKEVTMELGGKSPLIVFDDADLDRAADIAVTANFFSAGQVCTNGTRVFVQQAVKDAFVERVLARVARIRVGKPSDS
DTNFGPLASAAQLDKVLGYIDSGKAEGAKLLAGGARLVNDHFASGQYVAPTVFGDCRDDMRIVREEIFGPVMSILSFETE
DEAIARANATDYGLAAGVVTENLSRAHRAIHRLEAGICWINTWGESPAEMPVGGYKQSGVGRENGITTLEHYTRIKSVQV
ELGRYQPVFGHHHHHH
;
_entity_poly.pdbx_strand_id   A
#
# COMPACT_ATOMS: atom_id res chain seq x y z
N SER A 2 -21.51 6.59 -19.23
CA SER A 2 -20.86 6.36 -17.95
C SER A 2 -20.79 7.65 -17.15
N VAL A 3 -20.47 7.54 -15.86
CA VAL A 3 -20.41 8.73 -15.01
C VAL A 3 -19.24 9.62 -15.42
N TYR A 4 -18.06 9.05 -15.59
CA TYR A 4 -16.85 9.84 -15.81
C TYR A 4 -16.30 9.75 -17.23
N GLY A 5 -16.92 8.97 -18.10
CA GLY A 5 -16.61 9.04 -19.50
C GLY A 5 -15.43 8.18 -19.89
N LEU A 6 -14.93 8.46 -21.10
CA LEU A 6 -13.84 7.69 -21.67
C LEU A 6 -12.52 8.13 -21.05
N GLN A 7 -11.76 7.16 -20.57
CA GLN A 7 -10.48 7.43 -19.93
C GLN A 7 -9.37 6.70 -20.69
N ARG A 8 -8.17 7.24 -20.61
CA ARG A 8 -7.05 6.67 -21.37
C ARG A 8 -5.73 6.80 -20.62
N LEU A 9 -4.64 6.94 -21.37
CA LEU A 9 -3.31 6.92 -20.77
C LEU A 9 -2.85 8.35 -20.50
N TYR A 10 -1.79 8.48 -19.72
CA TYR A 10 -1.14 9.77 -19.49
C TYR A 10 0.34 9.60 -19.78
N ILE A 11 0.80 10.15 -20.89
CA ILE A 11 2.18 9.99 -21.35
C ILE A 11 2.66 11.35 -21.85
N ALA A 12 3.87 11.74 -21.46
CA ALA A 12 4.53 12.94 -21.97
C ALA A 12 3.70 14.19 -21.71
N GLY A 13 3.17 14.30 -20.48
CA GLY A 13 2.51 15.52 -20.06
C GLY A 13 1.11 15.74 -20.60
N ALA A 14 0.44 14.72 -21.11
CA ALA A 14 -0.91 14.86 -21.62
C ALA A 14 -1.62 13.51 -21.59
N HIS A 15 -2.95 13.56 -21.64
CA HIS A 15 -3.72 12.35 -21.89
C HIS A 15 -3.46 11.87 -23.31
N ALA A 16 -3.47 10.55 -23.50
CA ALA A 16 -3.07 9.99 -24.78
C ALA A 16 -3.83 8.70 -25.03
N ASP A 17 -4.21 8.49 -26.29
CA ASP A 17 -4.85 7.25 -26.69
C ASP A 17 -3.90 6.08 -26.56
N ALA A 18 -4.44 4.93 -26.14
CA ALA A 18 -3.71 3.66 -26.22
C ALA A 18 -3.72 3.16 -27.66
N THR A 19 -2.91 2.12 -27.93
CA THR A 19 -2.88 1.49 -29.25
C THR A 19 -3.12 -0.01 -29.17
N SER A 20 -3.92 -0.45 -28.19
CA SER A 20 -4.24 -1.85 -28.06
C SER A 20 -5.52 -2.25 -28.75
N GLY A 21 -6.41 -1.29 -29.01
CA GLY A 21 -7.75 -1.65 -29.42
C GLY A 21 -8.58 -2.32 -28.34
N LYS A 22 -8.17 -2.20 -27.07
CA LYS A 22 -8.87 -2.84 -25.96
C LYS A 22 -9.24 -1.81 -24.91
N THR A 23 -10.38 -2.02 -24.27
CA THR A 23 -10.79 -1.21 -23.13
C THR A 23 -11.24 -2.14 -22.00
N PHE A 24 -11.35 -1.57 -20.80
CA PHE A 24 -11.93 -2.26 -19.66
C PHE A 24 -12.78 -1.27 -18.89
N ASP A 25 -13.77 -1.79 -18.17
CA ASP A 25 -14.73 -0.96 -17.46
C ASP A 25 -14.40 -0.90 -15.98
N THR A 26 -14.64 0.25 -15.37
CA THR A 26 -14.62 0.35 -13.91
C THR A 26 -16.00 0.76 -13.43
N PHE A 27 -16.44 0.14 -12.33
CA PHE A 27 -17.77 0.33 -11.80
C PHE A 27 -17.70 0.90 -10.40
N ASP A 28 -18.83 1.47 -9.97
CA ASP A 28 -19.05 1.85 -8.59
C ASP A 28 -19.54 0.60 -7.85
N PRO A 29 -18.77 0.05 -6.91
CA PRO A 29 -19.20 -1.21 -6.26
C PRO A 29 -20.35 -1.03 -5.29
N ALA A 30 -20.74 0.22 -4.99
CA ALA A 30 -21.93 0.44 -4.17
C ALA A 30 -23.23 0.38 -4.97
N THR A 31 -23.17 0.59 -6.28
CA THR A 31 -24.37 0.69 -7.11
C THR A 31 -24.34 -0.11 -8.39
N GLY A 32 -23.17 -0.59 -8.84
CA GLY A 32 -23.08 -1.21 -10.14
C GLY A 32 -23.03 -0.23 -11.30
N GLU A 33 -23.07 1.07 -11.04
CA GLU A 33 -22.98 2.06 -12.11
C GLU A 33 -21.65 1.97 -12.83
N LEU A 34 -21.71 2.04 -14.17
CA LEU A 34 -20.50 2.16 -14.96
C LEU A 34 -19.85 3.53 -14.73
N LEU A 35 -18.62 3.53 -14.21
CA LEU A 35 -17.91 4.79 -13.96
C LEU A 35 -17.17 5.28 -15.18
N ALA A 36 -16.55 4.38 -15.94
CA ALA A 36 -15.69 4.79 -17.02
C ALA A 36 -15.33 3.57 -17.86
N ARG A 37 -15.03 3.82 -19.12
CA ARG A 37 -14.43 2.85 -20.03
C ARG A 37 -13.01 3.31 -20.31
N VAL A 38 -12.02 2.47 -20.01
CA VAL A 38 -10.62 2.86 -19.95
C VAL A 38 -9.85 2.13 -21.04
N GLN A 39 -9.10 2.87 -21.85
CA GLN A 39 -8.23 2.27 -22.85
C GLN A 39 -7.05 1.55 -22.19
N GLN A 40 -6.77 0.33 -22.63
CA GLN A 40 -5.67 -0.46 -22.08
C GLN A 40 -4.39 -0.23 -22.88
N ALA A 41 -3.29 -0.03 -22.18
CA ALA A 41 -2.00 0.19 -22.83
C ALA A 41 -1.51 -1.06 -23.54
N SER A 42 -0.97 -0.89 -24.75
CA SER A 42 -0.35 -1.98 -25.48
C SER A 42 1.14 -2.04 -25.15
N ALA A 43 1.81 -3.06 -25.69
CA ALA A 43 3.26 -3.15 -25.53
C ALA A 43 3.97 -1.95 -26.14
N ASP A 44 3.49 -1.50 -27.32
CA ASP A 44 4.03 -0.27 -27.92
C ASP A 44 3.83 0.93 -27.00
N ASP A 45 2.67 1.01 -26.34
CA ASP A 45 2.41 2.14 -25.44
C ASP A 45 3.39 2.15 -24.27
N VAL A 46 3.65 0.98 -23.69
CA VAL A 46 4.63 0.89 -22.61
C VAL A 46 6.02 1.29 -23.11
N ASP A 47 6.40 0.84 -24.31
CA ASP A 47 7.66 1.30 -24.90
C ASP A 47 7.67 2.81 -24.99
N ARG A 48 6.56 3.39 -25.44
CA ARG A 48 6.50 4.85 -25.57
C ARG A 48 6.53 5.54 -24.21
N ALA A 49 5.86 4.95 -23.22
CA ALA A 49 5.95 5.52 -21.88
C ALA A 49 7.38 5.50 -21.35
N VAL A 50 8.17 4.48 -21.73
CA VAL A 50 9.55 4.39 -21.25
C VAL A 50 10.42 5.42 -21.94
N ALA A 51 10.29 5.55 -23.27
CA ALA A 51 11.02 6.60 -23.97
C ALA A 51 10.65 7.98 -23.42
N SER A 52 9.36 8.20 -23.17
CA SER A 52 8.93 9.47 -22.59
C SER A 52 9.52 9.70 -21.21
N ALA A 53 9.52 8.66 -20.37
CA ALA A 53 10.08 8.78 -19.03
C ALA A 53 11.59 9.04 -19.07
N ARG A 54 12.29 8.38 -19.99
CA ARG A 54 13.73 8.58 -20.09
C ARG A 54 14.04 10.04 -20.43
N GLU A 55 13.27 10.62 -21.34
CA GLU A 55 13.46 12.01 -21.72
C GLU A 55 13.15 12.95 -20.55
N GLY A 56 11.99 12.75 -19.91
CA GLY A 56 11.64 13.61 -18.78
C GLY A 56 12.60 13.46 -17.62
N GLN A 57 13.08 12.23 -17.37
CA GLN A 57 13.98 12.02 -16.24
C GLN A 57 15.25 12.84 -16.38
N ARG A 58 15.75 12.97 -17.62
CA ARG A 58 16.98 13.72 -17.86
C ARG A 58 16.82 15.19 -17.46
N GLU A 59 15.73 15.82 -17.89
CA GLU A 59 15.45 17.20 -17.51
C GLU A 59 15.22 17.34 -16.00
N TRP A 60 14.48 16.41 -15.43
CA TRP A 60 14.17 16.44 -13.99
C TRP A 60 15.44 16.32 -13.15
N ALA A 61 16.33 15.39 -13.52
CA ALA A 61 17.56 15.20 -12.76
C ALA A 61 18.56 16.31 -12.97
N ALA A 62 18.48 17.03 -14.10
CA ALA A 62 19.40 18.13 -14.33
C ALA A 62 19.06 19.35 -13.48
N MET A 63 17.83 19.42 -12.93
CA MET A 63 17.48 20.48 -12.00
C MET A 63 18.23 20.29 -10.69
N THR A 64 18.34 21.38 -9.91
CA THR A 64 18.87 21.26 -8.56
C THR A 64 17.86 20.53 -7.67
N ALA A 65 18.35 19.99 -6.55
CA ALA A 65 17.45 19.33 -5.62
C ALA A 65 16.40 20.31 -5.10
N MET A 66 16.78 21.57 -4.89
CA MET A 66 15.78 22.53 -4.39
C MET A 66 14.73 22.86 -5.45
N GLN A 67 15.11 22.87 -6.73
CA GLN A 67 14.12 23.06 -7.78
C GLN A 67 13.10 21.92 -7.80
N ARG A 68 13.57 20.67 -7.62
CA ARG A 68 12.63 19.56 -7.49
C ARG A 68 11.77 19.71 -6.24
N SER A 69 12.39 20.12 -5.13
CA SER A 69 11.64 20.31 -3.88
C SER A 69 10.46 21.26 -4.06
N ARG A 70 10.72 22.41 -4.68
CA ARG A 70 9.68 23.43 -4.85
C ARG A 70 8.54 22.92 -5.72
N ILE A 71 8.85 22.17 -6.77
CA ILE A 71 7.81 21.65 -7.64
C ILE A 71 6.96 20.61 -6.91
N LEU A 72 7.60 19.75 -6.13
CA LEU A 72 6.84 18.77 -5.35
C LEU A 72 6.01 19.46 -4.26
N ARG A 73 6.55 20.52 -3.63
CA ARG A 73 5.78 21.29 -2.67
C ARG A 73 4.53 21.91 -3.31
N ARG A 74 4.65 22.39 -4.55
CA ARG A 74 3.48 22.90 -5.26
C ARG A 74 2.46 21.80 -5.52
N ALA A 75 2.94 20.60 -5.86
CA ALA A 75 2.02 19.48 -6.06
C ALA A 75 1.23 19.20 -4.79
N VAL A 76 1.89 19.28 -3.64
CA VAL A 76 1.20 19.15 -2.35
C VAL A 76 0.08 20.17 -2.22
N GLU A 77 0.38 21.45 -2.51
CA GLU A 77 -0.64 22.51 -2.41
C GLU A 77 -1.86 22.16 -3.25
N LEU A 78 -1.64 21.67 -4.46
CA LEU A 78 -2.75 21.36 -5.35
C LEU A 78 -3.56 20.18 -4.83
N LEU A 79 -2.89 19.17 -4.26
CA LEU A 79 -3.61 18.04 -3.66
C LEU A 79 -4.45 18.48 -2.47
N ARG A 80 -3.92 19.40 -1.64
CA ARG A 80 -4.69 19.89 -0.51
C ARG A 80 -5.90 20.68 -0.98
N GLU A 81 -5.72 21.54 -1.99
CA GLU A 81 -6.83 22.33 -2.51
C GLU A 81 -7.92 21.43 -3.10
N ARG A 82 -7.53 20.37 -3.79
CA ARG A 82 -8.47 19.52 -4.50
C ARG A 82 -8.88 18.30 -3.69
N ASN A 83 -8.66 18.33 -2.38
CA ASN A 83 -8.92 17.16 -1.53
C ASN A 83 -10.33 16.62 -1.73
N ASP A 84 -11.34 17.48 -1.68
CA ASP A 84 -12.71 16.99 -1.67
C ASP A 84 -13.13 16.45 -3.03
N ALA A 85 -12.69 17.08 -4.12
CA ALA A 85 -13.01 16.55 -5.44
C ALA A 85 -12.36 15.19 -5.65
N LEU A 86 -11.09 15.06 -5.26
CA LEU A 86 -10.41 13.77 -5.40
C LEU A 86 -11.03 12.73 -4.49
N ALA A 87 -11.45 13.13 -3.29
CA ALA A 87 -12.06 12.19 -2.36
C ALA A 87 -13.36 11.62 -2.91
N GLU A 88 -14.16 12.46 -3.58
CA GLU A 88 -15.40 11.93 -4.16
C GLU A 88 -15.09 10.91 -5.25
N LEU A 89 -14.16 11.26 -6.15
CA LEU A 89 -13.77 10.34 -7.22
C LEU A 89 -13.28 9.02 -6.63
N GLU A 90 -12.44 9.09 -5.60
CA GLU A 90 -11.88 7.88 -4.99
C GLU A 90 -12.98 7.05 -4.32
N MET A 91 -13.93 7.72 -3.66
CA MET A 91 -15.07 7.03 -3.08
C MET A 91 -15.88 6.30 -4.16
N ARG A 92 -16.14 6.97 -5.29
CA ARG A 92 -16.92 6.32 -6.34
C ARG A 92 -16.21 5.07 -6.85
N ASP A 93 -14.90 5.17 -7.05
CA ASP A 93 -14.13 4.14 -7.73
C ASP A 93 -13.84 2.94 -6.82
N THR A 94 -13.63 3.19 -5.53
CA THR A 94 -13.25 2.15 -4.57
C THR A 94 -14.43 1.61 -3.79
N GLY A 95 -15.46 2.41 -3.54
CA GLY A 95 -16.51 2.03 -2.62
C GLY A 95 -16.21 2.35 -1.17
N LYS A 96 -15.02 2.86 -0.87
CA LYS A 96 -14.70 3.22 0.50
C LYS A 96 -15.50 4.45 0.92
N PRO A 97 -15.85 4.56 2.20
CA PRO A 97 -16.69 5.69 2.64
C PRO A 97 -16.05 7.04 2.34
N ILE A 98 -16.88 8.00 1.94
CA ILE A 98 -16.40 9.36 1.73
C ILE A 98 -15.76 9.91 3.01
N ALA A 99 -16.23 9.48 4.17
CA ALA A 99 -15.59 9.90 5.41
C ALA A 99 -14.14 9.43 5.48
N GLU A 100 -13.81 8.29 4.84
CA GLU A 100 -12.41 7.88 4.77
C GLU A 100 -11.65 8.63 3.69
N THR A 101 -12.17 8.67 2.46
CA THR A 101 -11.35 9.25 1.38
C THR A 101 -11.14 10.75 1.58
N ARG A 102 -12.07 11.43 2.25
CA ARG A 102 -11.93 12.85 2.52
C ARG A 102 -10.87 13.15 3.56
N ALA A 103 -10.70 12.24 4.52
CA ALA A 103 -9.84 12.45 5.68
C ALA A 103 -8.51 11.72 5.60
N VAL A 104 -8.40 10.68 4.77
CA VAL A 104 -7.22 9.83 4.81
C VAL A 104 -6.48 9.79 3.48
N ASP A 105 -7.17 9.38 2.40
CA ASP A 105 -6.46 8.94 1.19
C ASP A 105 -5.61 10.04 0.59
N ILE A 106 -6.20 11.20 0.28
CA ILE A 106 -5.42 12.28 -0.30
C ILE A 106 -4.56 12.97 0.77
N VAL A 107 -5.10 13.14 1.98
CA VAL A 107 -4.34 13.78 3.06
C VAL A 107 -2.99 13.08 3.25
N THR A 108 -3.01 11.77 3.46
CA THR A 108 -1.78 11.03 3.74
C THR A 108 -0.96 10.79 2.49
N GLY A 109 -1.59 10.73 1.31
CA GLY A 109 -0.80 10.72 0.09
C GLY A 109 0.02 11.99 -0.06
N ALA A 110 -0.63 13.14 0.11
CA ALA A 110 0.07 14.42 0.06
C ALA A 110 1.10 14.55 1.17
N ASP A 111 0.80 14.00 2.37
CA ASP A 111 1.74 14.03 3.48
C ASP A 111 3.08 13.45 3.08
N VAL A 112 3.08 12.33 2.35
CA VAL A 112 4.33 11.68 2.00
C VAL A 112 5.06 12.44 0.89
N ILE A 113 4.34 12.97 -0.10
CA ILE A 113 4.98 13.86 -1.08
C ILE A 113 5.58 15.07 -0.39
N GLU A 114 4.84 15.67 0.54
CA GLU A 114 5.35 16.82 1.29
C GLU A 114 6.62 16.47 2.04
N TYR A 115 6.63 15.33 2.73
CA TYR A 115 7.80 14.86 3.47
C TYR A 115 9.01 14.74 2.55
N TYR A 116 8.85 14.02 1.43
CA TYR A 116 10.00 13.82 0.57
C TYR A 116 10.39 15.09 -0.18
N ALA A 117 9.43 15.97 -0.49
CA ALA A 117 9.80 17.25 -1.11
C ALA A 117 10.83 17.99 -0.25
N GLY A 118 10.62 18.00 1.07
CA GLY A 118 11.54 18.69 1.96
C GLY A 118 12.88 17.99 2.11
N LEU A 119 12.90 16.67 1.97
CA LEU A 119 14.13 15.89 2.08
C LEU A 119 14.89 15.77 0.78
N ALA A 120 14.35 16.27 -0.33
CA ALA A 120 15.02 16.10 -1.62
C ALA A 120 16.43 16.69 -1.62
N THR A 121 16.72 17.65 -0.75
CA THR A 121 18.01 18.32 -0.66
C THR A 121 19.02 17.61 0.25
N ALA A 122 18.64 16.49 0.86
CA ALA A 122 19.44 15.86 1.90
C ALA A 122 19.96 14.50 1.48
N ILE A 123 19.95 14.21 0.18
CA ILE A 123 20.49 12.95 -0.32
C ILE A 123 22.00 13.14 -0.48
N GLU A 124 22.78 12.49 0.39
CA GLU A 124 24.22 12.72 0.42
C GLU A 124 24.94 11.39 0.28
N GLY A 125 26.00 11.40 -0.50
CA GLY A 125 26.95 10.30 -0.49
C GLY A 125 27.88 10.43 0.71
N LEU A 126 28.93 9.61 0.70
CA LEU A 126 29.95 9.61 1.74
C LEU A 126 31.28 10.05 1.15
N GLN A 127 32.23 10.35 2.03
CA GLN A 127 33.62 10.47 1.63
C GLN A 127 34.45 9.78 2.71
N VAL A 128 35.47 9.05 2.28
CA VAL A 128 36.34 8.38 3.24
C VAL A 128 37.74 8.29 2.67
N PRO A 129 38.75 8.72 3.41
CA PRO A 129 40.12 8.61 2.91
C PRO A 129 40.63 7.20 3.07
N LEU A 130 41.52 6.81 2.16
CA LEU A 130 42.20 5.53 2.25
C LEU A 130 43.63 5.67 2.74
N ARG A 131 44.23 6.83 2.52
CA ARG A 131 45.63 7.14 2.76
C ARG A 131 45.81 8.55 2.22
N PRO A 132 46.89 9.25 2.54
CA PRO A 132 47.05 10.61 2.01
C PRO A 132 46.89 10.71 0.49
N GLU A 133 47.28 9.67 -0.26
CA GLU A 133 47.26 9.76 -1.71
C GLU A 133 45.96 9.28 -2.35
N SER A 134 44.98 8.78 -1.59
CA SER A 134 43.79 8.28 -2.26
C SER A 134 42.59 8.36 -1.33
N PHE A 135 41.43 8.72 -1.89
CA PHE A 135 40.18 8.79 -1.13
C PHE A 135 39.03 8.34 -2.01
N VAL A 136 37.92 8.00 -1.35
CA VAL A 136 36.71 7.52 -2.00
C VAL A 136 35.59 8.51 -1.71
N TYR A 137 34.75 8.79 -2.71
CA TYR A 137 33.47 9.41 -2.44
C TYR A 137 32.40 8.64 -3.18
N THR A 138 31.18 8.64 -2.66
CA THR A 138 30.06 8.04 -3.37
C THR A 138 29.11 9.11 -3.88
N ARG A 139 28.49 8.82 -5.01
CA ARG A 139 27.35 9.56 -5.50
C ARG A 139 26.11 8.69 -5.34
N ARG A 140 25.01 9.33 -4.97
CA ARG A 140 23.71 8.68 -4.92
C ARG A 140 22.94 9.17 -6.15
N GLU A 141 23.03 8.39 -7.24
CA GLU A 141 22.45 8.84 -8.50
C GLU A 141 21.05 8.29 -8.67
N PRO A 142 20.20 8.99 -9.40
CA PRO A 142 18.87 8.44 -9.71
C PRO A 142 19.01 7.05 -10.32
N LEU A 143 18.06 6.18 -10.00
CA LEU A 143 17.99 4.90 -10.70
C LEU A 143 17.67 5.08 -12.18
N GLY A 144 16.86 6.09 -12.52
CA GLY A 144 16.44 6.30 -13.90
C GLY A 144 14.92 6.26 -14.03
N VAL A 145 14.41 5.26 -14.74
CA VAL A 145 12.97 5.10 -14.94
C VAL A 145 12.50 3.98 -14.01
N CYS A 146 11.62 4.32 -13.08
CA CYS A 146 11.06 3.34 -12.14
C CYS A 146 9.62 3.03 -12.52
N ALA A 147 9.18 1.83 -12.16
CA ALA A 147 7.80 1.41 -12.38
C ALA A 147 7.08 1.26 -11.04
N GLY A 148 5.85 1.76 -10.97
CA GLY A 148 5.02 1.53 -9.81
C GLY A 148 3.73 0.82 -10.18
N ILE A 149 3.35 -0.22 -9.44
CA ILE A 149 2.12 -0.96 -9.72
C ILE A 149 1.22 -0.90 -8.49
N GLY A 150 0.05 -0.27 -8.62
CA GLY A 150 -0.77 0.02 -7.46
C GLY A 150 -1.82 -1.05 -7.19
N ALA A 151 -2.40 -0.98 -5.99
CA ALA A 151 -3.52 -1.81 -5.59
C ALA A 151 -4.80 -0.98 -5.54
N TRP A 152 -5.95 -1.65 -5.49
CA TRP A 152 -7.21 -0.94 -5.57
C TRP A 152 -7.72 -0.44 -4.22
N ASN A 153 -7.12 -0.85 -3.10
CA ASN A 153 -7.71 -0.43 -1.83
C ASN A 153 -7.34 1.01 -1.45
N TYR A 154 -6.18 1.50 -1.88
CA TYR A 154 -5.77 2.90 -1.66
C TYR A 154 -5.15 3.44 -2.94
N PRO A 155 -5.96 3.68 -3.98
CA PRO A 155 -5.39 3.96 -5.31
C PRO A 155 -4.50 5.20 -5.37
N ILE A 156 -5.02 6.37 -5.00
CA ILE A 156 -4.19 7.56 -5.14
C ILE A 156 -3.13 7.63 -4.04
N GLN A 157 -3.44 7.13 -2.84
CA GLN A 157 -2.42 7.15 -1.78
C GLN A 157 -1.22 6.32 -2.18
N ILE A 158 -1.44 5.13 -2.75
CA ILE A 158 -0.32 4.30 -3.21
C ILE A 158 0.44 4.98 -4.34
N ALA A 159 -0.29 5.62 -5.28
CA ALA A 159 0.39 6.39 -6.32
C ALA A 159 1.28 7.47 -5.71
N CYS A 160 0.80 8.17 -4.69
CA CYS A 160 1.61 9.18 -4.03
C CYS A 160 2.82 8.57 -3.32
N TRP A 161 2.61 7.48 -2.58
CA TRP A 161 3.68 6.90 -1.78
C TRP A 161 4.78 6.31 -2.65
N LYS A 162 4.46 5.78 -3.82
CA LYS A 162 5.51 5.25 -4.68
C LYS A 162 6.20 6.36 -5.47
N SER A 163 5.42 7.31 -5.99
CA SER A 163 6.00 8.35 -6.85
C SER A 163 6.79 9.39 -6.05
N ALA A 164 6.41 9.66 -4.79
CA ALA A 164 7.08 10.71 -4.03
C ALA A 164 8.57 10.47 -3.85
N PRO A 165 9.03 9.35 -3.27
CA PRO A 165 10.47 9.20 -3.13
C PRO A 165 11.17 9.01 -4.47
N ALA A 166 10.50 8.39 -5.45
CA ALA A 166 11.11 8.24 -6.77
C ALA A 166 11.41 9.60 -7.38
N LEU A 167 10.40 10.47 -7.44
CA LEU A 167 10.60 11.78 -8.04
C LEU A 167 11.51 12.65 -7.20
N ALA A 168 11.42 12.57 -5.87
CA ALA A 168 12.25 13.44 -5.05
C ALA A 168 13.73 13.09 -5.21
N ALA A 169 14.03 11.83 -5.50
CA ALA A 169 15.39 11.39 -5.77
C ALA A 169 15.81 11.61 -7.23
N GLY A 170 14.98 12.26 -8.05
CA GLY A 170 15.38 12.56 -9.42
C GLY A 170 15.05 11.49 -10.44
N ASN A 171 14.19 10.52 -10.12
CA ASN A 171 13.75 9.51 -11.07
C ASN A 171 12.50 9.97 -11.78
N ALA A 172 12.18 9.27 -12.87
CA ALA A 172 10.83 9.26 -13.42
C ALA A 172 10.13 7.97 -12.99
N MET A 173 8.81 8.00 -13.00
CA MET A 173 8.03 6.81 -12.69
C MET A 173 6.92 6.60 -13.70
N ILE A 174 6.81 5.38 -14.19
CA ILE A 174 5.62 4.93 -14.91
C ILE A 174 4.75 4.17 -13.92
N PHE A 175 3.51 4.62 -13.72
CA PHE A 175 2.63 4.03 -12.72
C PHE A 175 1.47 3.34 -13.41
N LYS A 176 1.13 2.15 -12.96
CA LYS A 176 -0.08 1.47 -13.42
C LYS A 176 -1.04 1.25 -12.25
N PRO A 177 -2.17 1.95 -12.20
CA PRO A 177 -3.16 1.64 -11.16
C PRO A 177 -3.79 0.27 -11.39
N SER A 178 -4.39 -0.25 -10.34
CA SER A 178 -5.25 -1.40 -10.48
C SER A 178 -6.33 -1.11 -11.50
N GLU A 179 -6.62 -2.11 -12.35
CA GLU A 179 -7.72 -1.95 -13.30
C GLU A 179 -9.06 -1.81 -12.60
N VAL A 180 -9.14 -2.19 -11.32
CA VAL A 180 -10.35 -2.03 -10.53
C VAL A 180 -10.57 -0.56 -10.19
N THR A 181 -9.50 0.22 -10.10
CA THR A 181 -9.56 1.62 -9.65
C THR A 181 -8.61 2.46 -10.48
N PRO A 182 -8.92 2.67 -11.76
CA PRO A 182 -7.97 3.34 -12.65
C PRO A 182 -8.04 4.87 -12.65
N LEU A 183 -8.98 5.49 -11.95
CA LEU A 183 -9.31 6.88 -12.25
C LEU A 183 -8.40 7.89 -11.55
N SER A 184 -8.20 7.73 -10.24
CA SER A 184 -7.55 8.81 -9.49
C SER A 184 -6.08 8.98 -9.87
N ALA A 185 -5.43 7.94 -10.37
CA ALA A 185 -4.01 8.09 -10.73
C ALA A 185 -3.83 9.11 -11.86
N LEU A 186 -4.79 9.20 -12.76
CA LEU A 186 -4.73 10.21 -13.81
C LEU A 186 -4.79 11.62 -13.24
N LYS A 187 -5.60 11.83 -12.19
CA LYS A 187 -5.65 13.16 -11.57
C LYS A 187 -4.32 13.53 -10.94
N LEU A 188 -3.62 12.56 -10.35
CA LEU A 188 -2.30 12.85 -9.81
C LEU A 188 -1.34 13.24 -10.93
N ALA A 189 -1.41 12.56 -12.07
CA ALA A 189 -0.56 12.93 -13.20
C ALA A 189 -0.81 14.36 -13.63
N GLU A 190 -2.08 14.77 -13.70
CA GLU A 190 -2.40 16.14 -14.07
C GLU A 190 -1.82 17.13 -13.07
N ILE A 191 -1.89 16.80 -11.78
CA ILE A 191 -1.42 17.70 -10.73
C ILE A 191 0.10 17.85 -10.80
N TYR A 192 0.82 16.74 -11.02
CA TYR A 192 2.28 16.83 -11.15
C TYR A 192 2.66 17.75 -12.31
N THR A 193 1.98 17.59 -13.46
CA THR A 193 2.24 18.44 -14.61
C THR A 193 1.94 19.90 -14.27
N GLU A 194 0.77 20.17 -13.67
CA GLU A 194 0.44 21.54 -13.31
C GLU A 194 1.44 22.11 -12.30
N ALA A 195 1.99 21.29 -11.42
CA ALA A 195 2.97 21.77 -10.45
C ALA A 195 4.31 22.09 -11.08
N GLY A 196 4.57 21.66 -12.32
CA GLY A 196 5.84 21.93 -12.97
C GLY A 196 6.70 20.71 -13.24
N VAL A 197 6.21 19.51 -12.97
CA VAL A 197 6.96 18.30 -13.24
C VAL A 197 7.11 18.14 -14.76
N PRO A 198 8.34 17.91 -15.28
CA PRO A 198 8.50 17.83 -16.73
C PRO A 198 7.74 16.66 -17.34
N ALA A 199 7.45 16.81 -18.64
CA ALA A 199 6.71 15.77 -19.37
C ALA A 199 7.45 14.44 -19.30
N GLY A 200 6.70 13.38 -18.97
CA GLY A 200 7.27 12.06 -18.87
C GLY A 200 7.77 11.65 -17.50
N VAL A 201 7.85 12.58 -16.54
CA VAL A 201 8.41 12.20 -15.24
C VAL A 201 7.40 11.38 -14.42
N PHE A 202 6.11 11.61 -14.58
CA PHE A 202 5.10 10.69 -14.05
C PHE A 202 4.13 10.35 -15.19
N ASN A 203 4.29 9.15 -15.75
CA ASN A 203 3.38 8.62 -16.76
C ASN A 203 2.47 7.58 -16.13
N VAL A 204 1.26 7.46 -16.70
CA VAL A 204 0.27 6.50 -16.23
C VAL A 204 -0.11 5.59 -17.40
N VAL A 205 0.03 4.28 -17.21
CA VAL A 205 -0.50 3.29 -18.14
C VAL A 205 -1.60 2.52 -17.42
N GLN A 206 -2.50 1.93 -18.21
CA GLN A 206 -3.73 1.34 -17.71
C GLN A 206 -3.88 -0.10 -18.19
N GLY A 207 -4.44 -0.94 -17.35
CA GLY A 207 -4.79 -2.28 -17.76
C GLY A 207 -4.64 -3.25 -16.61
N ASP A 208 -4.77 -4.53 -16.95
CA ASP A 208 -4.78 -5.60 -15.97
C ASP A 208 -3.35 -6.04 -15.69
N GLY A 209 -3.18 -7.24 -15.14
CA GLY A 209 -1.85 -7.72 -14.78
C GLY A 209 -0.93 -7.92 -15.96
N SER A 210 -1.47 -8.08 -17.17
CA SER A 210 -0.61 -8.23 -18.33
C SER A 210 0.14 -6.94 -18.64
N VAL A 211 -0.50 -5.80 -18.41
CA VAL A 211 0.22 -4.54 -18.54
C VAL A 211 1.24 -4.38 -17.42
N GLY A 212 0.91 -4.85 -16.22
CA GLY A 212 1.91 -4.86 -15.16
C GLY A 212 3.13 -5.68 -15.54
N ALA A 213 2.90 -6.83 -16.17
CA ALA A 213 4.00 -7.68 -16.65
C ALA A 213 4.84 -6.99 -17.71
N LEU A 214 4.21 -6.21 -18.60
CA LEU A 214 4.97 -5.42 -19.56
C LEU A 214 5.96 -4.50 -18.87
N LEU A 215 5.53 -3.86 -17.77
CA LEU A 215 6.43 -2.99 -17.02
C LEU A 215 7.53 -3.79 -16.32
N SER A 216 7.14 -4.87 -15.64
CA SER A 216 8.11 -5.66 -14.87
C SER A 216 9.20 -6.24 -15.74
N ALA A 217 8.87 -6.58 -17.00
CA ALA A 217 9.82 -7.19 -17.91
C ALA A 217 10.63 -6.18 -18.73
N HIS A 218 10.27 -4.90 -18.71
CA HIS A 218 10.85 -3.98 -19.70
C HIS A 218 12.33 -3.71 -19.40
N PRO A 219 13.22 -3.86 -20.39
CA PRO A 219 14.65 -3.68 -20.11
C PRO A 219 15.06 -2.25 -19.80
N GLY A 220 14.22 -1.26 -20.09
CA GLY A 220 14.56 0.12 -19.79
C GLY A 220 14.14 0.62 -18.42
N ILE A 221 13.59 -0.25 -17.59
CA ILE A 221 13.10 0.11 -16.27
C ILE A 221 14.07 -0.43 -15.25
N ALA A 222 14.53 0.44 -14.35
CA ALA A 222 15.59 0.10 -13.42
C ALA A 222 15.08 -0.51 -12.12
N LYS A 223 13.83 -0.23 -11.74
CA LYS A 223 13.27 -0.69 -10.48
C LYS A 223 11.77 -0.82 -10.61
N VAL A 224 11.20 -1.86 -10.00
CA VAL A 224 9.76 -2.06 -9.96
C VAL A 224 9.32 -2.08 -8.50
N SER A 225 8.28 -1.31 -8.18
CA SER A 225 7.66 -1.32 -6.85
C SER A 225 6.21 -1.74 -6.98
N PHE A 226 5.84 -2.84 -6.31
CA PHE A 226 4.52 -3.45 -6.45
C PHE A 226 3.84 -3.56 -5.08
N THR A 227 2.56 -3.24 -5.04
CA THR A 227 1.71 -3.47 -3.87
C THR A 227 0.54 -4.33 -4.29
N GLY A 228 0.33 -5.44 -3.58
CA GLY A 228 -0.75 -6.35 -3.94
C GLY A 228 -0.66 -7.64 -3.12
N GLY A 229 -1.24 -8.71 -3.68
CA GLY A 229 -1.23 -9.99 -3.02
C GLY A 229 0.11 -10.71 -3.12
N VAL A 230 0.36 -11.61 -2.16
CA VAL A 230 1.63 -12.34 -2.09
C VAL A 230 1.90 -13.09 -3.38
N GLU A 231 0.90 -13.81 -3.89
CA GLU A 231 1.16 -14.70 -5.02
C GLU A 231 1.42 -13.91 -6.29
N THR A 232 0.73 -12.79 -6.49
CA THR A 232 1.08 -11.92 -7.60
C THR A 232 2.45 -11.30 -7.41
N GLY A 233 2.77 -10.87 -6.18
CA GLY A 233 4.07 -10.27 -5.92
C GLY A 233 5.21 -11.20 -6.27
N LYS A 234 5.04 -12.51 -6.01
CA LYS A 234 6.09 -13.47 -6.36
C LYS A 234 6.33 -13.51 -7.87
N LYS A 235 5.26 -13.44 -8.66
CA LYS A 235 5.40 -13.43 -10.11
C LYS A 235 6.05 -12.14 -10.57
N VAL A 236 5.70 -11.01 -9.95
CA VAL A 236 6.31 -9.74 -10.34
C VAL A 236 7.80 -9.77 -10.06
N MET A 237 8.18 -10.19 -8.85
CA MET A 237 9.60 -10.18 -8.49
C MET A 237 10.39 -11.14 -9.37
N SER A 238 9.82 -12.31 -9.66
CA SER A 238 10.51 -13.27 -10.51
C SER A 238 10.76 -12.67 -11.89
N LEU A 239 9.75 -12.05 -12.49
CA LEU A 239 9.90 -11.45 -13.82
C LEU A 239 10.82 -10.24 -13.79
N ALA A 240 10.72 -9.42 -12.74
CA ALA A 240 11.61 -8.26 -12.63
C ALA A 240 13.07 -8.69 -12.57
N GLY A 241 13.36 -9.79 -11.90
CA GLY A 241 14.73 -10.27 -11.81
C GLY A 241 15.17 -11.01 -13.06
N ALA A 242 14.32 -11.90 -13.57
CA ALA A 242 14.71 -12.71 -14.72
C ALA A 242 14.89 -11.88 -15.98
N SER A 243 14.15 -10.77 -16.10
CA SER A 243 14.20 -9.97 -17.32
C SER A 243 15.49 -9.13 -17.39
N SER A 244 15.77 -8.34 -16.34
CA SER A 244 16.91 -7.44 -16.44
C SER A 244 17.52 -7.07 -15.09
N LEU A 245 17.36 -7.89 -14.05
CA LEU A 245 17.95 -7.64 -12.74
C LEU A 245 17.56 -6.26 -12.20
N LYS A 246 16.27 -5.98 -12.21
CA LYS A 246 15.77 -4.75 -11.62
C LYS A 246 15.86 -4.81 -10.09
N GLU A 247 16.03 -3.65 -9.47
CA GLU A 247 15.72 -3.54 -8.05
C GLU A 247 14.21 -3.68 -7.86
N VAL A 248 13.80 -4.16 -6.68
CA VAL A 248 12.40 -4.45 -6.42
C VAL A 248 12.00 -4.00 -5.02
N THR A 249 10.77 -3.51 -4.90
CA THR A 249 10.07 -3.31 -3.65
C THR A 249 8.75 -4.06 -3.76
N MET A 250 8.39 -4.81 -2.73
CA MET A 250 7.13 -5.54 -2.68
C MET A 250 6.44 -5.22 -1.36
N GLU A 251 5.22 -4.70 -1.43
CA GLU A 251 4.37 -4.51 -0.26
C GLU A 251 3.18 -5.44 -0.43
N LEU A 252 3.15 -6.53 0.33
CA LEU A 252 2.21 -7.60 0.07
C LEU A 252 1.25 -7.74 1.24
N GLY A 253 0.47 -8.83 1.23
CA GLY A 253 -0.55 -9.05 2.22
C GLY A 253 0.01 -9.59 3.52
N GLY A 254 -0.88 -9.80 4.48
CA GLY A 254 -0.47 -10.27 5.79
C GLY A 254 -1.58 -11.03 6.48
N LYS A 255 -1.22 -11.61 7.64
CA LYS A 255 -2.20 -12.15 8.57
C LYS A 255 -1.75 -11.71 9.97
N SER A 256 -1.79 -10.40 10.18
CA SER A 256 -1.04 -9.78 11.25
C SER A 256 -1.70 -10.04 12.61
N PRO A 257 -0.92 -10.39 13.63
CA PRO A 257 -1.50 -10.68 14.94
C PRO A 257 -1.61 -9.44 15.82
N LEU A 258 -2.74 -9.36 16.52
CA LEU A 258 -2.96 -8.37 17.55
C LEU A 258 -3.10 -9.12 18.87
N ILE A 259 -2.20 -8.86 19.81
CA ILE A 259 -2.17 -9.60 21.06
C ILE A 259 -2.73 -8.72 22.17
N VAL A 260 -3.86 -9.13 22.71
CA VAL A 260 -4.52 -8.43 23.82
C VAL A 260 -4.18 -9.19 25.10
N PHE A 261 -3.33 -8.61 25.95
CA PHE A 261 -2.89 -9.26 27.18
C PHE A 261 -3.86 -9.00 28.32
N ASP A 262 -3.72 -9.81 29.38
CA ASP A 262 -4.61 -9.70 30.53
C ASP A 262 -4.48 -8.35 31.26
N ASP A 263 -3.42 -7.59 31.01
CA ASP A 263 -3.26 -6.26 31.60
C ASP A 263 -3.41 -5.16 30.56
N ALA A 264 -4.05 -5.47 29.44
CA ALA A 264 -4.49 -4.45 28.49
C ALA A 264 -5.62 -3.61 29.06
N ASP A 265 -5.62 -2.34 28.70
CA ASP A 265 -6.83 -1.53 28.76
C ASP A 265 -7.82 -2.14 27.76
N LEU A 266 -8.91 -2.74 28.27
CA LEU A 266 -9.79 -3.52 27.42
C LEU A 266 -10.66 -2.65 26.52
N ASP A 267 -11.07 -1.47 26.99
CA ASP A 267 -11.72 -0.51 26.10
C ASP A 267 -10.80 -0.14 24.94
N ARG A 268 -9.56 0.24 25.26
CA ARG A 268 -8.58 0.53 24.22
C ARG A 268 -8.37 -0.66 23.30
N ALA A 269 -8.25 -1.86 23.87
CA ALA A 269 -8.03 -3.05 23.04
C ALA A 269 -9.19 -3.28 22.08
N ALA A 270 -10.43 -3.11 22.54
CA ALA A 270 -11.58 -3.36 21.67
C ALA A 270 -11.67 -2.32 20.57
N ASP A 271 -11.48 -1.03 20.89
CA ASP A 271 -11.40 -0.01 19.86
C ASP A 271 -10.33 -0.35 18.82
N ILE A 272 -9.14 -0.75 19.28
CA ILE A 272 -8.05 -1.11 18.38
C ILE A 272 -8.43 -2.28 17.49
N ALA A 273 -8.96 -3.36 18.09
CA ALA A 273 -9.32 -4.54 17.30
C ALA A 273 -10.34 -4.20 16.23
N VAL A 274 -11.31 -3.34 16.55
CA VAL A 274 -12.33 -2.95 15.59
C VAL A 274 -11.72 -2.13 14.46
N THR A 275 -10.90 -1.13 14.79
CA THR A 275 -10.22 -0.37 13.75
C THR A 275 -9.39 -1.31 12.89
N ALA A 276 -8.60 -2.18 13.53
CA ALA A 276 -7.67 -3.08 12.86
C ALA A 276 -8.36 -4.13 12.00
N ASN A 277 -9.69 -4.25 12.04
CA ASN A 277 -10.36 -5.26 11.25
C ASN A 277 -11.36 -4.74 10.24
N PHE A 278 -11.90 -3.54 10.43
CA PHE A 278 -13.02 -3.12 9.62
C PHE A 278 -12.85 -1.79 8.91
N PHE A 279 -11.75 -1.07 9.17
CA PHE A 279 -11.48 0.12 8.37
C PHE A 279 -11.36 -0.25 6.90
N SER A 280 -11.83 0.63 6.03
CA SER A 280 -11.83 0.38 4.57
C SER A 280 -12.51 -0.94 4.24
N ALA A 281 -13.57 -1.26 5.00
CA ALA A 281 -14.35 -2.48 4.82
C ALA A 281 -13.47 -3.74 4.92
N GLY A 282 -12.48 -3.68 5.80
CA GLY A 282 -11.59 -4.81 6.01
C GLY A 282 -10.54 -5.03 4.94
N GLN A 283 -10.35 -4.07 4.03
CA GLN A 283 -9.49 -4.27 2.87
C GLN A 283 -8.17 -3.53 3.06
N VAL A 284 -7.40 -3.94 4.07
CA VAL A 284 -6.13 -3.31 4.42
C VAL A 284 -5.11 -4.40 4.68
N CYS A 285 -3.96 -4.32 4.02
CA CYS A 285 -2.94 -5.36 4.11
C CYS A 285 -2.47 -5.57 5.55
N THR A 286 -2.38 -4.51 6.33
CA THR A 286 -1.82 -4.55 7.68
C THR A 286 -2.84 -4.91 8.74
N ASN A 287 -4.08 -5.26 8.35
CA ASN A 287 -5.12 -5.45 9.35
C ASN A 287 -4.76 -6.57 10.31
N GLY A 288 -5.13 -6.37 11.58
CA GLY A 288 -4.88 -7.33 12.63
C GLY A 288 -5.98 -8.38 12.69
N THR A 289 -5.92 -9.34 11.77
CA THR A 289 -7.00 -10.26 11.49
C THR A 289 -6.93 -11.54 12.32
N ARG A 290 -5.84 -11.76 13.05
CA ARG A 290 -5.77 -12.76 14.10
C ARG A 290 -5.68 -11.99 15.42
N VAL A 291 -6.77 -12.01 16.18
CA VAL A 291 -6.87 -11.28 17.43
C VAL A 291 -6.69 -12.29 18.55
N PHE A 292 -5.49 -12.33 19.14
CA PHE A 292 -5.19 -13.19 20.27
C PHE A 292 -5.55 -12.46 21.56
N VAL A 293 -6.33 -13.12 22.42
CA VAL A 293 -6.76 -12.49 23.67
C VAL A 293 -6.50 -13.47 24.82
N GLN A 294 -5.87 -12.97 25.88
CA GLN A 294 -5.53 -13.82 27.00
C GLN A 294 -6.79 -14.27 27.72
N GLN A 295 -6.80 -15.53 28.18
CA GLN A 295 -8.03 -16.18 28.62
C GLN A 295 -8.76 -15.38 29.70
N ALA A 296 -8.04 -14.78 30.64
CA ALA A 296 -8.69 -14.16 31.78
C ALA A 296 -9.51 -12.93 31.40
N VAL A 297 -9.19 -12.28 30.28
CA VAL A 297 -9.95 -11.12 29.82
C VAL A 297 -10.74 -11.42 28.56
N LYS A 298 -10.79 -12.68 28.12
CA LYS A 298 -11.41 -13.03 26.84
C LYS A 298 -12.88 -12.60 26.80
N ASP A 299 -13.66 -13.01 27.81
CA ASP A 299 -15.10 -12.71 27.80
C ASP A 299 -15.35 -11.21 27.84
N ALA A 300 -14.66 -10.50 28.74
CA ALA A 300 -14.86 -9.06 28.85
C ALA A 300 -14.45 -8.35 27.57
N PHE A 301 -13.38 -8.81 26.93
CA PHE A 301 -12.92 -8.21 25.67
C PHE A 301 -13.92 -8.46 24.55
N VAL A 302 -14.38 -9.70 24.39
CA VAL A 302 -15.29 -10.03 23.30
C VAL A 302 -16.58 -9.22 23.43
N GLU A 303 -17.06 -9.06 24.66
CA GLU A 303 -18.25 -8.25 24.90
C GLU A 303 -18.05 -6.83 24.41
N ARG A 304 -16.90 -6.23 24.75
CA ARG A 304 -16.62 -4.88 24.28
C ARG A 304 -16.51 -4.82 22.76
N VAL A 305 -15.88 -5.83 22.14
CA VAL A 305 -15.74 -5.83 20.69
C VAL A 305 -17.11 -5.86 20.01
N LEU A 306 -17.96 -6.82 20.43
CA LEU A 306 -19.26 -6.96 19.80
C LEU A 306 -20.12 -5.72 19.98
N ALA A 307 -19.99 -5.04 21.12
CA ALA A 307 -20.75 -3.80 21.33
C ALA A 307 -20.32 -2.71 20.35
N ARG A 308 -19.02 -2.63 20.07
CA ARG A 308 -18.55 -1.63 19.11
C ARG A 308 -18.93 -2.02 17.69
N VAL A 309 -18.85 -3.31 17.36
CA VAL A 309 -19.21 -3.76 16.01
C VAL A 309 -20.67 -3.44 15.73
N ALA A 310 -21.55 -3.60 16.72
CA ALA A 310 -22.95 -3.29 16.49
C ALA A 310 -23.19 -1.80 16.24
N ARG A 311 -22.22 -0.95 16.57
CA ARG A 311 -22.35 0.49 16.35
C ARG A 311 -21.70 0.95 15.04
N ILE A 312 -21.07 0.04 14.29
CA ILE A 312 -20.58 0.39 12.96
C ILE A 312 -21.74 0.83 12.09
N ARG A 313 -21.56 1.93 11.36
CA ARG A 313 -22.62 2.49 10.52
C ARG A 313 -22.41 2.01 9.08
N VAL A 314 -23.09 0.92 8.75
CA VAL A 314 -23.03 0.35 7.40
C VAL A 314 -24.01 1.13 6.51
N GLY A 315 -23.53 1.61 5.37
CA GLY A 315 -24.39 2.42 4.54
C GLY A 315 -23.77 2.74 3.21
N LYS A 316 -24.43 3.63 2.48
CA LYS A 316 -23.90 4.12 1.20
C LYS A 316 -22.61 4.86 1.45
N PRO A 317 -21.53 4.56 0.71
CA PRO A 317 -20.27 5.27 0.95
C PRO A 317 -20.36 6.75 0.59
N SER A 318 -21.32 7.15 -0.24
CA SER A 318 -21.49 8.56 -0.55
C SER A 318 -22.12 9.35 0.59
N ASP A 319 -22.59 8.68 1.64
CA ASP A 319 -23.19 9.34 2.79
C ASP A 319 -22.11 9.53 3.86
N SER A 320 -21.87 10.79 4.25
CA SER A 320 -20.78 11.08 5.18
C SER A 320 -21.01 10.47 6.57
N ASP A 321 -22.25 10.05 6.87
CA ASP A 321 -22.52 9.35 8.11
C ASP A 321 -22.03 7.90 8.08
N THR A 322 -21.83 7.34 6.88
CA THR A 322 -21.34 5.97 6.75
C THR A 322 -19.88 5.86 7.20
N ASN A 323 -19.57 4.81 7.95
CA ASN A 323 -18.15 4.49 8.17
C ASN A 323 -17.79 3.06 7.75
N PHE A 324 -18.67 2.41 6.98
CA PHE A 324 -18.41 1.07 6.45
C PHE A 324 -19.30 0.87 5.24
N GLY A 325 -18.70 0.68 4.06
CA GLY A 325 -19.48 0.51 2.86
C GLY A 325 -19.28 -0.86 2.23
N PRO A 326 -19.40 -0.96 0.91
CA PRO A 326 -19.24 -2.24 0.23
C PRO A 326 -17.76 -2.59 0.04
N LEU A 327 -17.53 -3.85 -0.33
CA LEU A 327 -16.23 -4.28 -0.84
C LEU A 327 -16.04 -3.72 -2.24
N ALA A 328 -14.81 -3.86 -2.75
CA ALA A 328 -14.44 -3.17 -3.98
C ALA A 328 -14.90 -3.86 -5.25
N SER A 329 -15.41 -5.08 -5.19
CA SER A 329 -15.76 -5.81 -6.41
C SER A 329 -16.57 -7.06 -6.04
N ALA A 330 -17.24 -7.61 -7.05
CA ALA A 330 -17.96 -8.86 -6.84
C ALA A 330 -16.99 -10.02 -6.60
N ALA A 331 -15.82 -9.99 -7.25
CA ALA A 331 -14.81 -11.01 -6.99
C ALA A 331 -14.39 -11.00 -5.53
N GLN A 332 -14.16 -9.80 -4.99
CA GLN A 332 -13.92 -9.63 -3.56
C GLN A 332 -15.03 -10.24 -2.73
N LEU A 333 -16.28 -9.92 -3.07
CA LEU A 333 -17.40 -10.42 -2.28
C LEU A 333 -17.47 -11.94 -2.31
N ASP A 334 -17.33 -12.55 -3.50
CA ASP A 334 -17.38 -14.00 -3.60
C ASP A 334 -16.32 -14.64 -2.72
N LYS A 335 -15.10 -14.11 -2.77
CA LYS A 335 -14.00 -14.65 -1.99
C LYS A 335 -14.29 -14.55 -0.49
N VAL A 336 -14.70 -13.36 -0.03
CA VAL A 336 -14.95 -13.15 1.40
C VAL A 336 -16.07 -14.04 1.90
N LEU A 337 -17.15 -14.15 1.12
CA LEU A 337 -18.25 -15.02 1.53
C LEU A 337 -17.80 -16.47 1.57
N GLY A 338 -16.93 -16.87 0.63
CA GLY A 338 -16.38 -18.23 0.68
C GLY A 338 -15.60 -18.48 1.95
N TYR A 339 -14.82 -17.48 2.40
CA TYR A 339 -14.10 -17.61 3.66
C TYR A 339 -15.05 -17.71 4.84
N ILE A 340 -16.12 -16.90 4.84
CA ILE A 340 -17.12 -17.00 5.91
C ILE A 340 -17.74 -18.39 5.92
N ASP A 341 -18.08 -18.93 4.74
CA ASP A 341 -18.54 -20.32 4.65
C ASP A 341 -17.51 -21.28 5.22
N SER A 342 -16.24 -21.07 4.88
CA SER A 342 -15.19 -21.96 5.38
C SER A 342 -15.09 -21.88 6.90
N GLY A 343 -15.13 -20.67 7.46
CA GLY A 343 -15.08 -20.53 8.90
C GLY A 343 -16.20 -21.27 9.60
N LYS A 344 -17.42 -21.13 9.07
CA LYS A 344 -18.57 -21.81 9.68
C LYS A 344 -18.41 -23.31 9.58
N ALA A 345 -17.99 -23.82 8.42
CA ALA A 345 -17.88 -25.27 8.25
C ALA A 345 -16.78 -25.85 9.12
N GLU A 346 -15.71 -25.10 9.38
CA GLU A 346 -14.63 -25.62 10.19
C GLU A 346 -14.84 -25.42 11.69
N GLY A 347 -16.00 -24.88 12.08
CA GLY A 347 -16.39 -24.90 13.48
C GLY A 347 -16.15 -23.63 14.26
N ALA A 348 -15.66 -22.58 13.61
CA ALA A 348 -15.55 -21.30 14.30
C ALA A 348 -16.95 -20.79 14.62
N LYS A 349 -17.03 -20.02 15.72
CA LYS A 349 -18.32 -19.53 16.21
C LYS A 349 -18.60 -18.16 15.60
N LEU A 350 -19.79 -18.01 14.99
CA LEU A 350 -20.15 -16.76 14.32
C LEU A 350 -20.78 -15.83 15.36
N LEU A 351 -20.05 -14.77 15.70
CA LEU A 351 -20.47 -13.84 16.75
C LEU A 351 -21.11 -12.56 16.22
N ALA A 352 -20.89 -12.22 14.96
CA ALA A 352 -21.43 -11.00 14.38
C ALA A 352 -21.36 -11.11 12.86
N GLY A 353 -22.35 -10.50 12.19
CA GLY A 353 -22.34 -10.45 10.73
C GLY A 353 -22.42 -11.83 10.11
N GLY A 354 -21.66 -12.02 9.03
CA GLY A 354 -21.58 -13.31 8.38
C GLY A 354 -22.36 -13.46 7.09
N ALA A 355 -23.01 -12.39 6.61
CA ALA A 355 -23.85 -12.52 5.43
C ALA A 355 -23.77 -11.27 4.57
N ARG A 356 -24.09 -11.45 3.29
CA ARG A 356 -24.24 -10.32 2.38
C ARG A 356 -25.48 -9.53 2.75
N LEU A 357 -25.39 -8.20 2.68
CA LEU A 357 -26.56 -7.35 2.85
C LEU A 357 -27.24 -7.18 1.49
N VAL A 358 -28.54 -7.48 1.44
CA VAL A 358 -29.27 -7.43 0.18
C VAL A 358 -30.56 -6.63 0.27
N ASN A 359 -30.83 -5.95 1.37
CA ASN A 359 -32.06 -5.18 1.51
C ASN A 359 -31.88 -3.79 0.90
N ASP A 360 -32.94 -3.31 0.27
CA ASP A 360 -33.01 -1.92 -0.24
CA ASP A 360 -33.01 -1.92 -0.24
C ASP A 360 -31.82 -1.70 -1.18
N HIS A 361 -31.12 -0.57 -1.08
CA HIS A 361 -30.06 -0.25 -2.02
C HIS A 361 -28.89 -1.22 -1.93
N PHE A 362 -28.75 -1.96 -0.82
CA PHE A 362 -27.58 -2.81 -0.65
C PHE A 362 -27.52 -3.89 -1.71
N ALA A 363 -28.67 -4.30 -2.25
CA ALA A 363 -28.69 -5.36 -3.26
C ALA A 363 -27.92 -4.97 -4.51
N SER A 364 -27.86 -3.68 -4.84
CA SER A 364 -27.15 -3.22 -6.02
C SER A 364 -25.65 -3.08 -5.79
N GLY A 365 -25.18 -3.28 -4.56
CA GLY A 365 -23.77 -3.18 -4.28
C GLY A 365 -23.16 -4.49 -3.81
N GLN A 366 -21.90 -4.42 -3.38
CA GLN A 366 -21.14 -5.60 -2.95
C GLN A 366 -20.89 -5.49 -1.44
N TYR A 367 -21.97 -5.59 -0.66
CA TYR A 367 -21.91 -5.36 0.78
C TYR A 367 -21.84 -6.67 1.56
N VAL A 368 -20.83 -6.80 2.41
CA VAL A 368 -20.72 -7.90 3.36
C VAL A 368 -20.63 -7.31 4.77
N ALA A 369 -21.45 -7.84 5.68
CA ALA A 369 -21.54 -7.29 7.03
C ALA A 369 -20.23 -7.48 7.78
N PRO A 370 -19.88 -6.54 8.67
CA PRO A 370 -18.72 -6.74 9.56
C PRO A 370 -18.88 -8.04 10.34
N THR A 371 -17.92 -8.94 10.17
CA THR A 371 -18.04 -10.32 10.64
C THR A 371 -16.97 -10.64 11.68
N VAL A 372 -17.39 -11.32 12.75
CA VAL A 372 -16.51 -11.71 13.85
C VAL A 372 -16.69 -13.19 14.11
N PHE A 373 -15.58 -13.93 14.16
CA PHE A 373 -15.57 -15.34 14.56
C PHE A 373 -14.85 -15.49 15.89
N GLY A 374 -15.46 -16.25 16.80
CA GLY A 374 -14.87 -16.57 18.08
C GLY A 374 -14.51 -18.05 18.13
N ASP A 375 -13.74 -18.40 19.16
CA ASP A 375 -13.31 -19.79 19.38
C ASP A 375 -12.58 -20.34 18.15
N CYS A 376 -11.71 -19.53 17.57
CA CYS A 376 -10.99 -19.96 16.38
C CYS A 376 -9.80 -20.84 16.76
N ARG A 377 -9.31 -21.59 15.77
CA ARG A 377 -8.16 -22.48 15.92
C ARG A 377 -7.10 -22.13 14.89
N ASP A 378 -5.84 -22.38 15.24
CA ASP A 378 -4.73 -22.05 14.35
C ASP A 378 -4.79 -22.82 13.03
N ASP A 379 -5.45 -23.97 12.99
CA ASP A 379 -5.47 -24.75 11.75
C ASP A 379 -6.62 -24.38 10.82
N MET A 380 -7.46 -23.40 11.17
CA MET A 380 -8.56 -23.00 10.32
C MET A 380 -8.09 -22.19 9.13
N ARG A 381 -8.80 -22.34 8.01
CA ARG A 381 -8.49 -21.54 6.82
C ARG A 381 -8.60 -20.05 7.09
N ILE A 382 -9.68 -19.63 7.77
CA ILE A 382 -9.86 -18.20 8.03
C ILE A 382 -8.77 -17.63 8.93
N VAL A 383 -8.10 -18.50 9.70
CA VAL A 383 -6.99 -18.04 10.54
C VAL A 383 -5.67 -18.04 9.79
N ARG A 384 -5.48 -18.99 8.86
CA ARG A 384 -4.20 -19.16 8.17
CA ARG A 384 -4.19 -19.14 8.20
C ARG A 384 -4.03 -18.19 7.00
N GLU A 385 -5.13 -17.87 6.31
CA GLU A 385 -5.06 -17.16 5.03
C GLU A 385 -5.57 -15.73 5.13
N GLU A 386 -4.90 -14.81 4.43
CA GLU A 386 -5.41 -13.46 4.34
C GLU A 386 -6.75 -13.46 3.61
N ILE A 387 -7.76 -12.89 4.27
CA ILE A 387 -9.09 -12.81 3.66
C ILE A 387 -9.26 -11.53 2.85
N PHE A 388 -8.66 -10.43 3.31
CA PHE A 388 -8.79 -9.12 2.67
C PHE A 388 -10.25 -8.67 2.64
N GLY A 389 -10.92 -8.85 3.76
CA GLY A 389 -12.30 -8.46 3.92
C GLY A 389 -12.58 -8.32 5.41
N PRO A 390 -13.80 -7.95 5.74
CA PRO A 390 -14.10 -7.63 7.15
C PRO A 390 -14.46 -8.87 7.96
N VAL A 391 -13.43 -9.66 8.30
CA VAL A 391 -13.61 -10.90 9.05
C VAL A 391 -12.54 -10.95 10.13
N MET A 392 -12.95 -10.75 11.38
CA MET A 392 -12.07 -10.87 12.53
C MET A 392 -12.10 -12.30 13.07
N SER A 393 -10.93 -12.88 13.31
CA SER A 393 -10.79 -14.18 13.97
C SER A 393 -10.21 -13.97 15.37
N ILE A 394 -10.94 -14.42 16.38
CA ILE A 394 -10.54 -14.23 17.78
C ILE A 394 -10.08 -15.57 18.34
N LEU A 395 -8.91 -15.56 18.98
CA LEU A 395 -8.22 -16.76 19.43
C LEU A 395 -7.81 -16.58 20.88
N SER A 396 -8.16 -17.53 21.73
CA SER A 396 -7.74 -17.42 23.12
C SER A 396 -6.34 -17.97 23.29
N PHE A 397 -5.64 -17.46 24.31
CA PHE A 397 -4.34 -17.98 24.68
C PHE A 397 -4.18 -17.88 26.19
N GLU A 398 -3.26 -18.69 26.72
CA GLU A 398 -2.97 -18.72 28.16
C GLU A 398 -1.76 -17.91 28.55
N THR A 399 -0.63 -18.06 27.86
CA THR A 399 0.62 -17.46 28.28
C THR A 399 1.21 -16.57 27.19
N GLU A 400 2.12 -15.70 27.64
CA GLU A 400 2.78 -14.76 26.74
C GLU A 400 3.65 -15.50 25.71
N ASP A 401 4.42 -16.49 26.17
CA ASP A 401 5.22 -17.28 25.23
C ASP A 401 4.33 -17.95 24.19
N GLU A 402 3.17 -18.47 24.62
CA GLU A 402 2.24 -19.10 23.69
C GLU A 402 1.75 -18.11 22.64
N ALA A 403 1.27 -16.95 23.06
CA ALA A 403 0.79 -15.94 22.11
C ALA A 403 1.88 -15.57 21.12
N ILE A 404 3.11 -15.37 21.59
CA ILE A 404 4.18 -14.96 20.70
C ILE A 404 4.50 -16.08 19.71
N ALA A 405 4.55 -17.33 20.19
CA ALA A 405 4.85 -18.46 19.31
C ALA A 405 3.79 -18.60 18.22
N ARG A 406 2.52 -18.49 18.59
CA ARG A 406 1.45 -18.68 17.62
C ARG A 406 1.34 -17.47 16.68
N ALA A 407 1.58 -16.26 17.20
CA ALA A 407 1.61 -15.09 16.35
C ALA A 407 2.67 -15.21 15.26
N ASN A 408 3.82 -15.78 15.59
CA ASN A 408 4.95 -15.91 14.68
C ASN A 408 4.83 -17.11 13.73
N ALA A 409 3.94 -18.06 14.01
CA ALA A 409 3.87 -19.31 13.26
C ALA A 409 3.06 -19.09 11.97
N THR A 410 3.66 -18.32 11.07
CA THR A 410 3.03 -17.95 9.81
C THR A 410 4.13 -17.60 8.82
N ASP A 411 3.82 -17.73 7.53
CA ASP A 411 4.73 -17.23 6.51
C ASP A 411 4.49 -15.76 6.20
N TYR A 412 3.39 -15.17 6.68
CA TYR A 412 3.22 -13.73 6.61
C TYR A 412 4.10 -13.05 7.66
N GLY A 413 4.30 -11.75 7.49
CA GLY A 413 5.10 -10.99 8.43
C GLY A 413 5.00 -9.49 8.24
N LEU A 414 3.79 -8.99 7.94
CA LEU A 414 3.66 -7.58 7.60
C LEU A 414 3.60 -6.73 8.86
N ALA A 415 2.56 -6.91 9.68
CA ALA A 415 2.39 -6.10 10.87
C ALA A 415 2.15 -6.99 12.08
N ALA A 416 2.17 -6.36 13.25
CA ALA A 416 1.86 -7.01 14.52
C ALA A 416 1.63 -5.93 15.55
N GLY A 417 0.98 -6.30 16.65
CA GLY A 417 0.69 -5.31 17.68
C GLY A 417 0.32 -5.96 19.00
N VAL A 418 0.52 -5.20 20.07
CA VAL A 418 0.17 -5.64 21.41
C VAL A 418 -0.62 -4.55 22.11
N VAL A 419 -1.45 -4.95 23.06
CA VAL A 419 -2.14 -4.04 23.95
C VAL A 419 -1.85 -4.48 25.38
N THR A 420 -1.17 -3.61 26.14
CA THR A 420 -0.80 -3.90 27.53
C THR A 420 -0.39 -2.60 28.20
N GLU A 421 -0.71 -2.46 29.48
CA GLU A 421 -0.29 -1.29 30.24
C GLU A 421 1.14 -1.40 30.77
N ASN A 422 1.77 -2.56 30.63
CA ASN A 422 3.04 -2.84 31.29
C ASN A 422 4.23 -2.49 30.40
N LEU A 423 5.16 -1.71 30.95
CA LEU A 423 6.32 -1.25 30.18
C LEU A 423 7.16 -2.41 29.66
N SER A 424 7.60 -3.30 30.57
CA SER A 424 8.46 -4.40 30.16
C SER A 424 7.77 -5.29 29.12
N ARG A 425 6.50 -5.64 29.37
CA ARG A 425 5.81 -6.56 28.48
C ARG A 425 5.63 -5.96 27.09
N ALA A 426 5.28 -4.67 27.01
CA ALA A 426 5.04 -4.04 25.71
C ALA A 426 6.27 -4.17 24.82
N HIS A 427 7.44 -3.78 25.31
CA HIS A 427 8.60 -3.82 24.44
C HIS A 427 9.12 -5.24 24.24
N ARG A 428 9.14 -6.06 25.29
CA ARG A 428 9.75 -7.38 25.10
C ARG A 428 8.92 -8.23 24.15
N ALA A 429 7.59 -8.11 24.19
CA ALA A 429 6.75 -8.86 23.26
C ALA A 429 6.93 -8.40 21.82
N ILE A 430 6.92 -7.07 21.60
CA ILE A 430 7.10 -6.53 20.26
C ILE A 430 8.46 -6.92 19.68
N HIS A 431 9.51 -6.92 20.52
CA HIS A 431 10.83 -7.27 20.02
C HIS A 431 10.90 -8.72 19.52
N ARG A 432 10.02 -9.60 20.01
CA ARG A 432 10.02 -11.00 19.60
C ARG A 432 9.07 -11.30 18.44
N LEU A 433 8.21 -10.36 18.06
CA LEU A 433 7.24 -10.60 16.98
C LEU A 433 7.91 -10.39 15.62
N GLU A 434 7.69 -11.33 14.69
CA GLU A 434 8.38 -11.33 13.41
C GLU A 434 7.57 -10.58 12.36
N ALA A 435 7.54 -9.25 12.51
CA ALA A 435 6.82 -8.37 11.61
C ALA A 435 7.59 -7.07 11.43
N GLY A 436 7.45 -6.47 10.25
CA GLY A 436 8.12 -5.21 9.97
C GLY A 436 7.44 -3.98 10.53
N ILE A 437 6.14 -4.05 10.81
CA ILE A 437 5.34 -2.90 11.25
C ILE A 437 4.68 -3.26 12.59
N CYS A 438 5.12 -2.63 13.68
CA CYS A 438 4.69 -3.02 15.03
C CYS A 438 4.06 -1.86 15.77
N TRP A 439 2.88 -2.08 16.36
CA TRP A 439 2.14 -1.05 17.06
C TRP A 439 1.93 -1.42 18.53
N ILE A 440 2.16 -0.47 19.43
CA ILE A 440 1.94 -0.68 20.86
C ILE A 440 0.82 0.24 21.31
N ASN A 441 -0.29 -0.37 21.74
CA ASN A 441 -1.43 0.36 22.30
C ASN A 441 -2.07 1.29 21.26
N THR A 442 -1.96 0.92 20.00
CA THR A 442 -2.59 1.65 18.89
C THR A 442 -2.56 0.71 17.68
N TRP A 443 -3.08 1.17 16.56
CA TRP A 443 -2.99 0.40 15.32
C TRP A 443 -3.25 1.32 14.15
N GLY A 444 -2.56 1.06 13.04
CA GLY A 444 -2.96 1.58 11.76
C GLY A 444 -2.29 2.87 11.32
N GLU A 445 -1.77 3.69 12.23
CA GLU A 445 -1.11 4.93 11.83
CA GLU A 445 -1.12 4.93 11.81
C GLU A 445 0.20 4.61 11.10
N SER A 446 0.45 5.32 10.00
CA SER A 446 1.61 5.05 9.15
C SER A 446 2.31 6.36 8.81
N PRO A 447 2.98 6.98 9.80
CA PRO A 447 3.62 8.28 9.57
C PRO A 447 4.61 8.23 8.42
N ALA A 448 4.75 9.37 7.73
CA ALA A 448 5.74 9.46 6.64
C ALA A 448 7.15 9.14 7.12
N GLU A 449 7.45 9.37 8.41
CA GLU A 449 8.79 9.12 8.95
C GLU A 449 9.07 7.64 9.16
N MET A 450 8.05 6.80 9.16
CA MET A 450 8.18 5.44 9.65
C MET A 450 8.31 4.46 8.48
N PRO A 451 9.46 3.81 8.29
CA PRO A 451 9.58 2.80 7.23
C PRO A 451 8.58 1.65 7.44
N VAL A 452 7.89 1.25 6.39
CA VAL A 452 6.89 0.20 6.49
C VAL A 452 7.11 -0.85 5.40
N GLY A 453 7.00 -2.11 5.78
CA GLY A 453 7.17 -3.22 4.85
C GLY A 453 7.12 -4.53 5.61
N GLY A 454 7.25 -5.62 4.86
CA GLY A 454 7.02 -6.95 5.39
C GLY A 454 8.28 -7.76 5.70
N TYR A 455 8.18 -8.57 6.76
CA TYR A 455 9.06 -9.72 6.96
C TYR A 455 8.53 -10.90 6.14
N LYS A 456 9.42 -11.87 5.90
CA LYS A 456 9.04 -13.19 5.33
C LYS A 456 8.38 -12.97 3.98
N GLN A 457 7.23 -13.60 3.70
CA GLN A 457 6.58 -13.48 2.40
C GLN A 457 5.63 -12.28 2.31
N SER A 458 5.68 -11.36 3.28
CA SER A 458 4.85 -10.17 3.19
C SER A 458 5.55 -9.00 2.50
N GLY A 459 6.80 -9.14 2.09
CA GLY A 459 7.38 -8.12 1.26
C GLY A 459 8.89 -8.19 1.14
N VAL A 460 9.40 -7.26 0.32
CA VAL A 460 10.83 -6.99 0.15
CA VAL A 460 10.83 -6.98 0.22
C VAL A 460 11.00 -5.47 0.16
N GLY A 461 12.02 -4.98 0.86
CA GLY A 461 12.24 -3.54 0.90
C GLY A 461 11.16 -2.85 1.74
N ARG A 462 11.15 -1.52 1.65
CA ARG A 462 10.33 -0.68 2.51
C ARG A 462 9.78 0.49 1.74
N GLU A 463 8.76 1.13 2.31
CA GLU A 463 8.26 2.42 1.86
C GLU A 463 8.24 3.37 3.04
N ASN A 464 8.23 4.67 2.73
CA ASN A 464 8.29 5.76 3.69
C ASN A 464 9.59 5.76 4.51
N GLY A 465 9.78 6.81 5.31
CA GLY A 465 11.02 7.00 6.02
C GLY A 465 12.14 7.51 5.12
N ILE A 466 13.19 8.02 5.77
CA ILE A 466 14.35 8.48 5.01
C ILE A 466 14.93 7.33 4.18
N THR A 467 14.91 6.11 4.73
CA THR A 467 15.54 4.97 4.03
C THR A 467 14.95 4.76 2.64
N THR A 468 13.65 5.04 2.45
CA THR A 468 13.06 4.76 1.15
C THR A 468 13.51 5.79 0.10
N LEU A 469 13.79 7.02 0.51
CA LEU A 469 14.39 7.99 -0.42
C LEU A 469 15.77 7.51 -0.85
N GLU A 470 16.57 7.04 0.12
CA GLU A 470 17.87 6.47 -0.21
CA GLU A 470 17.87 6.46 -0.18
C GLU A 470 17.75 5.32 -1.18
N HIS A 471 16.72 4.48 -1.05
CA HIS A 471 16.58 3.34 -1.96
C HIS A 471 15.93 3.68 -3.28
N TYR A 472 15.68 4.95 -3.58
CA TYR A 472 15.39 5.33 -4.95
C TYR A 472 16.61 6.00 -5.60
N THR A 473 17.80 5.73 -5.06
CA THR A 473 19.07 6.08 -5.69
C THR A 473 19.93 4.81 -5.74
N ARG A 474 20.93 4.85 -6.62
CA ARG A 474 21.91 3.79 -6.71
C ARG A 474 23.29 4.38 -6.38
N ILE A 475 24.12 3.58 -5.72
CA ILE A 475 25.42 4.05 -5.24
C ILE A 475 26.45 3.92 -6.34
N LYS A 476 27.13 5.01 -6.64
CA LYS A 476 28.35 5.02 -7.44
C LYS A 476 29.52 5.32 -6.53
N SER A 477 30.45 4.38 -6.42
CA SER A 477 31.66 4.60 -5.64
C SER A 477 32.76 5.12 -6.57
N VAL A 478 33.44 6.17 -6.14
CA VAL A 478 34.52 6.77 -6.93
C VAL A 478 35.77 6.76 -6.09
N GLN A 479 36.79 6.04 -6.54
CA GLN A 479 38.11 6.08 -5.93
C GLN A 479 38.99 7.03 -6.73
N VAL A 480 39.52 8.05 -6.06
CA VAL A 480 40.43 9.00 -6.65
C VAL A 480 41.85 8.66 -6.21
N GLU A 481 42.73 8.34 -7.16
CA GLU A 481 44.14 8.08 -6.88
C GLU A 481 44.91 9.37 -7.16
N LEU A 482 45.46 9.98 -6.10
CA LEU A 482 46.28 11.18 -6.27
C LEU A 482 47.76 10.89 -6.40
N GLY A 483 48.18 9.67 -6.05
CA GLY A 483 49.57 9.29 -6.12
C GLY A 483 49.92 8.55 -7.39
N ARG A 484 51.16 8.08 -7.43
CA ARG A 484 51.64 7.27 -8.54
C ARG A 484 50.98 5.90 -8.50
N TYR A 485 50.50 5.42 -9.65
CA TYR A 485 49.96 4.07 -9.71
C TYR A 485 51.12 3.07 -9.69
N GLN A 486 51.17 2.24 -8.66
CA GLN A 486 52.25 1.26 -8.53
C GLN A 486 51.96 0.08 -9.44
N PRO A 487 52.79 -0.18 -10.45
CA PRO A 487 52.48 -1.27 -11.40
C PRO A 487 52.35 -2.61 -10.67
N VAL A 488 51.32 -3.36 -11.06
CA VAL A 488 51.17 -4.72 -10.55
C VAL A 488 51.98 -5.68 -11.41
N PHE A 489 51.91 -5.53 -12.73
CA PHE A 489 52.78 -6.26 -13.66
C PHE A 489 54.01 -5.39 -13.90
N GLY A 490 55.12 -5.74 -13.26
CA GLY A 490 56.35 -4.99 -13.41
C GLY A 490 57.52 -5.83 -13.88
#